data_7EPN
#
_entry.id   7EPN
#
_cell.length_a   42.011
_cell.length_b   60.064
_cell.length_c   121.990
_cell.angle_alpha   90.000
_cell.angle_beta   90.000
_cell.angle_gamma   90.000
#
_symmetry.space_group_name_H-M   'P 21 21 21'
#
loop_
_entity.id
_entity.type
_entity.pdbx_description
1 polymer 'SnoaL-like domain-containing protein'
2 water water
#
_entity_poly.entity_id   1
_entity_poly.type   'polypeptide(L)'
_entity_poly.pdbx_seq_one_letter_code
;MVSTRETVNELLRRIAAGDPGRIAELYAEEVSWKLSWPAGDHMGVVPWIQQRSTRAGVEEHFRLIADHHVAKQSSAEVFS
VLVDGADAVVLGELRNTAGPTGRSYEAPFALHLTVENGLVTRHHVYEDSLAVFRAFAENAGEPVRSRAS
;
_entity_poly.pdbx_strand_id   A,B
#
# COMPACT_ATOMS: atom_id res chain seq x y z
N VAL A 2 6.63 4.36 -26.48
CA VAL A 2 5.72 3.31 -26.04
C VAL A 2 4.86 3.80 -24.87
N SER A 3 3.82 3.05 -24.55
CA SER A 3 2.85 3.51 -23.58
C SER A 3 3.35 3.28 -22.15
N THR A 4 2.66 3.91 -21.19
CA THR A 4 2.91 3.64 -19.78
C THR A 4 2.76 2.16 -19.47
N ARG A 5 1.65 1.56 -19.93
CA ARG A 5 1.40 0.16 -19.62
C ARG A 5 2.45 -0.74 -20.24
N GLU A 6 2.89 -0.43 -21.47
CA GLU A 6 3.94 -1.22 -22.08
C GLU A 6 5.21 -1.15 -21.27
N THR A 7 5.53 0.04 -20.75
CA THR A 7 6.74 0.18 -19.93
C THR A 7 6.61 -0.61 -18.64
N VAL A 8 5.43 -0.53 -18.00
CA VAL A 8 5.20 -1.27 -16.76
C VAL A 8 5.24 -2.77 -17.02
N ASN A 9 4.62 -3.22 -18.12
CA ASN A 9 4.64 -4.66 -18.41
C ASN A 9 6.06 -5.15 -18.66
N GLU A 10 6.91 -4.33 -19.29
CA GLU A 10 8.30 -4.73 -19.48
C GLU A 10 9.06 -4.78 -18.15
N LEU A 11 8.77 -3.83 -17.24
CA LEU A 11 9.39 -3.87 -15.92
C LEU A 11 9.01 -5.14 -15.18
N LEU A 12 7.74 -5.56 -15.27
CA LEU A 12 7.33 -6.78 -14.61
C LEU A 12 8.05 -8.00 -15.20
N ARG A 13 8.20 -8.02 -16.53
CA ARG A 13 8.98 -9.07 -17.17
C ARG A 13 10.41 -9.11 -16.63
N ARG A 14 11.05 -7.95 -16.50
CA ARG A 14 12.44 -7.96 -16.07
C ARG A 14 12.58 -8.27 -14.59
N ILE A 15 11.64 -7.83 -13.75
CA ILE A 15 11.67 -8.21 -12.36
C ILE A 15 11.53 -9.72 -12.23
N ALA A 16 10.66 -10.33 -13.04
CA ALA A 16 10.51 -11.77 -13.01
C ALA A 16 11.76 -12.48 -13.52
N ALA A 17 12.47 -11.86 -14.47
CA ALA A 17 13.74 -12.43 -14.94
C ALA A 17 14.82 -12.36 -13.87
N GLY A 18 14.80 -11.32 -13.03
CA GLY A 18 15.60 -11.30 -11.82
C GLY A 18 16.97 -10.64 -11.91
N ASP A 19 17.41 -10.19 -13.09
CA ASP A 19 18.72 -9.55 -13.18
C ASP A 19 18.63 -8.10 -12.71
N PRO A 20 19.30 -7.73 -11.62
CA PRO A 20 19.16 -6.35 -11.10
C PRO A 20 19.62 -5.29 -12.08
N GLY A 21 20.70 -5.56 -12.83
CA GLY A 21 21.20 -4.56 -13.76
C GLY A 21 20.19 -4.24 -14.86
N ARG A 22 19.53 -5.26 -15.40
CA ARG A 22 18.60 -5.01 -16.50
C ARG A 22 17.31 -4.39 -16.01
N ILE A 23 16.90 -4.69 -14.77
CA ILE A 23 15.77 -3.99 -14.18
C ILE A 23 16.05 -2.49 -14.12
N ALA A 24 17.23 -2.11 -13.60
CA ALA A 24 17.56 -0.71 -13.39
C ALA A 24 17.65 0.05 -14.71
N GLU A 25 17.97 -0.65 -15.81
CA GLU A 25 18.03 -0.02 -17.11
C GLU A 25 16.74 0.71 -17.46
N LEU A 26 15.62 0.28 -16.86
CA LEU A 26 14.31 0.85 -17.17
C LEU A 26 14.02 2.12 -16.39
N TYR A 27 14.86 2.47 -15.43
CA TYR A 27 14.66 3.62 -14.58
C TYR A 27 15.45 4.83 -15.09
N ALA A 28 14.92 6.01 -14.79
CA ALA A 28 15.67 7.22 -15.12
C ALA A 28 16.91 7.31 -14.24
N GLU A 29 17.82 8.21 -14.62
CA GLU A 29 19.04 8.40 -13.84
C GLU A 29 18.72 8.85 -12.42
N GLU A 30 17.71 9.70 -12.28
CA GLU A 30 17.21 10.16 -11.00
C GLU A 30 15.81 9.59 -10.82
N VAL A 31 15.51 9.12 -9.62
CA VAL A 31 14.26 8.43 -9.36
C VAL A 31 13.68 8.98 -8.07
N SER A 32 12.38 9.23 -8.07
CA SER A 32 11.64 9.51 -6.84
C SER A 32 11.30 8.18 -6.20
N TRP A 33 11.94 7.87 -5.07
CA TRP A 33 11.84 6.58 -4.42
C TRP A 33 11.19 6.76 -3.06
N LYS A 34 10.16 5.98 -2.75
CA LYS A 34 9.51 6.09 -1.46
C LYS A 34 9.07 4.71 -1.02
N LEU A 35 9.15 4.47 0.29
CA LEU A 35 8.71 3.21 0.87
C LEU A 35 7.85 3.50 2.09
N SER A 36 6.81 2.69 2.26
CA SER A 36 5.87 2.86 3.37
C SER A 36 6.44 2.25 4.66
N TRP A 37 7.58 2.80 5.08
CA TRP A 37 8.35 2.42 6.27
C TRP A 37 8.75 3.66 7.04
N PRO A 38 8.87 3.57 8.36
CA PRO A 38 9.37 4.71 9.14
C PRO A 38 10.75 5.14 8.70
N ALA A 39 10.99 6.45 8.76
CA ALA A 39 12.27 7.05 8.37
C ALA A 39 13.45 6.64 9.29
N GLY A 40 13.25 5.76 10.25
CA GLY A 40 14.34 5.22 11.03
C GLY A 40 15.25 4.31 10.21
N GLY A 44 20.07 -1.75 10.08
CA GLY A 44 19.44 -2.32 8.92
C GLY A 44 18.93 -3.73 9.14
N VAL A 45 17.91 -3.86 9.99
CA VAL A 45 17.33 -5.16 10.29
C VAL A 45 16.76 -5.79 9.02
N VAL A 46 16.03 -5.00 8.25
CA VAL A 46 15.59 -5.40 6.91
C VAL A 46 16.54 -4.74 5.91
N PRO A 47 17.41 -5.49 5.25
CA PRO A 47 18.61 -4.88 4.62
C PRO A 47 18.33 -3.86 3.54
N TRP A 48 17.23 -3.98 2.80
CA TRP A 48 16.98 -3.09 1.68
C TRP A 48 16.17 -1.86 2.06
N ILE A 49 15.77 -1.71 3.33
CA ILE A 49 14.91 -0.59 3.73
C ILE A 49 15.83 0.61 3.96
N GLN A 50 15.92 1.47 2.96
CA GLN A 50 16.70 2.70 3.03
C GLN A 50 16.24 3.56 1.86
N GLN A 51 16.62 4.83 1.89
CA GLN A 51 16.24 5.72 0.81
C GLN A 51 17.14 5.47 -0.38
N ARG A 52 16.62 5.79 -1.57
CA ARG A 52 17.38 5.73 -2.81
C ARG A 52 16.98 6.92 -3.66
N SER A 53 17.84 7.31 -4.58
CA SER A 53 17.48 8.40 -5.48
C SER A 53 18.08 8.27 -6.87
N THR A 54 18.77 7.18 -7.20
CA THR A 54 19.46 7.06 -8.48
C THR A 54 19.22 5.68 -9.07
N ARG A 55 19.44 5.58 -10.38
CA ARG A 55 19.38 4.29 -11.07
C ARG A 55 20.27 3.24 -10.40
N ALA A 56 21.52 3.61 -10.07
CA ALA A 56 22.42 2.68 -9.40
C ALA A 56 21.83 2.18 -8.09
N GLY A 57 21.16 3.06 -7.34
CA GLY A 57 20.52 2.63 -6.11
C GLY A 57 19.38 1.65 -6.36
N VAL A 58 18.67 1.80 -7.47
CA VAL A 58 17.61 0.85 -7.79
C VAL A 58 18.21 -0.53 -8.05
N GLU A 59 19.29 -0.60 -8.83
CA GLU A 59 19.95 -1.88 -9.09
C GLU A 59 20.31 -2.57 -7.79
N GLU A 60 20.85 -1.81 -6.82
CA GLU A 60 21.26 -2.40 -5.54
C GLU A 60 20.05 -2.88 -4.75
N HIS A 61 18.94 -2.15 -4.81
CA HIS A 61 17.72 -2.58 -4.15
C HIS A 61 17.27 -3.94 -4.64
N PHE A 62 17.28 -4.15 -5.96
CA PHE A 62 16.82 -5.44 -6.48
C PHE A 62 17.86 -6.54 -6.25
N ARG A 63 19.14 -6.18 -6.21
CA ARG A 63 20.14 -7.16 -5.81
C ARG A 63 19.94 -7.60 -4.36
N LEU A 64 19.64 -6.65 -3.47
CA LEU A 64 19.46 -6.99 -2.07
C LEU A 64 18.22 -7.85 -1.84
N ILE A 65 17.09 -7.52 -2.50
CA ILE A 65 15.87 -8.28 -2.25
C ILE A 65 16.02 -9.73 -2.73
N ALA A 66 16.76 -9.95 -3.80
CA ALA A 66 17.04 -11.32 -4.22
C ALA A 66 17.92 -12.04 -3.21
N ASP A 67 18.99 -11.37 -2.78
CA ASP A 67 19.97 -12.06 -1.95
C ASP A 67 19.37 -12.47 -0.61
N HIS A 68 18.55 -11.62 -0.02
CA HIS A 68 18.20 -11.74 1.39
C HIS A 68 16.92 -12.54 1.64
N HIS A 69 16.37 -13.16 0.61
CA HIS A 69 15.23 -14.05 0.74
C HIS A 69 15.62 -15.46 0.34
N VAL A 70 14.95 -16.45 0.93
CA VAL A 70 15.18 -17.84 0.55
C VAL A 70 14.41 -18.10 -0.75
N ALA A 71 15.14 -18.21 -1.85
CA ALA A 71 14.48 -18.12 -3.16
C ALA A 71 13.53 -19.28 -3.39
N LYS A 72 13.91 -20.50 -3.02
CA LYS A 72 13.03 -21.62 -3.31
C LYS A 72 11.78 -21.63 -2.44
N GLN A 73 11.68 -20.75 -1.43
CA GLN A 73 10.47 -20.61 -0.62
C GLN A 73 9.82 -19.24 -0.79
N SER A 74 10.11 -18.54 -1.87
CA SER A 74 9.62 -17.18 -2.07
C SER A 74 8.87 -17.11 -3.39
N SER A 75 7.84 -16.26 -3.43
CA SER A 75 7.07 -16.11 -4.65
C SER A 75 6.35 -14.77 -4.63
N ALA A 76 6.09 -14.25 -5.81
CA ALA A 76 5.40 -12.98 -5.98
C ALA A 76 4.21 -13.19 -6.90
N GLU A 77 3.11 -12.52 -6.60
CA GLU A 77 1.93 -12.57 -7.45
C GLU A 77 1.51 -11.16 -7.77
N VAL A 78 1.12 -10.92 -9.02
CA VAL A 78 0.57 -9.64 -9.43
C VAL A 78 -0.92 -9.85 -9.68
N PHE A 79 -1.76 -9.15 -8.90
CA PHE A 79 -3.20 -9.26 -9.07
C PHE A 79 -3.75 -8.32 -10.13
N SER A 80 -3.31 -7.07 -10.13
CA SER A 80 -3.86 -6.07 -11.04
C SER A 80 -2.77 -5.07 -11.42
N VAL A 81 -2.88 -4.55 -12.64
CA VAL A 81 -2.07 -3.41 -13.07
C VAL A 81 -3.03 -2.32 -13.49
N LEU A 82 -3.11 -1.25 -12.71
CA LEU A 82 -3.93 -0.12 -13.06
C LEU A 82 -3.07 0.96 -13.68
N VAL A 83 -3.55 1.56 -14.76
CA VAL A 83 -2.81 2.60 -15.48
C VAL A 83 -3.75 3.76 -15.71
N ASP A 84 -3.26 4.97 -15.44
CA ASP A 84 -4.00 6.22 -15.61
C ASP A 84 -2.97 7.23 -16.12
N GLY A 85 -2.94 7.45 -17.43
CA GLY A 85 -1.99 8.42 -17.97
C GLY A 85 -0.55 7.96 -17.82
N ALA A 86 0.29 8.82 -17.22
CA ALA A 86 1.70 8.49 -16.98
C ALA A 86 1.91 7.65 -15.74
N ASP A 87 0.89 7.43 -14.91
CA ASP A 87 1.02 6.73 -13.66
C ASP A 87 0.43 5.33 -13.77
N ALA A 88 0.95 4.43 -12.93
CA ALA A 88 0.43 3.08 -12.87
C ALA A 88 0.58 2.59 -11.43
N VAL A 89 -0.27 1.65 -11.04
CA VAL A 89 -0.14 0.98 -9.74
C VAL A 89 -0.22 -0.52 -9.97
N VAL A 90 0.77 -1.25 -9.47
CA VAL A 90 0.79 -2.71 -9.55
C VAL A 90 0.40 -3.23 -8.18
N LEU A 91 -0.68 -4.00 -8.12
CA LEU A 91 -1.17 -4.59 -6.88
C LEU A 91 -0.83 -6.07 -6.84
N GLY A 92 -0.30 -6.54 -5.71
CA GLY A 92 0.10 -7.93 -5.64
C GLY A 92 0.48 -8.32 -4.23
N GLU A 93 1.20 -9.43 -4.13
CA GLU A 93 1.58 -9.96 -2.83
C GLU A 93 2.87 -10.75 -2.95
N LEU A 94 3.76 -10.52 -1.98
CA LEU A 94 4.96 -11.33 -1.80
C LEU A 94 4.72 -12.36 -0.70
N ARG A 95 5.09 -13.62 -0.97
CA ARG A 95 5.05 -14.71 0.01
C ARG A 95 6.47 -15.24 0.10
N ASN A 96 7.27 -14.67 1.00
CA ASN A 96 8.71 -14.91 1.08
C ASN A 96 9.11 -15.46 2.44
N THR A 97 10.33 -15.98 2.47
CA THR A 97 10.98 -16.41 3.70
C THR A 97 12.26 -15.61 3.88
N ALA A 98 12.42 -15.01 5.06
CA ALA A 98 13.59 -14.21 5.39
C ALA A 98 14.84 -15.07 5.38
N GLY A 99 15.85 -14.64 4.62
CA GLY A 99 17.12 -15.34 4.57
C GLY A 99 17.78 -15.55 5.92
N PRO A 100 17.95 -14.48 6.71
CA PRO A 100 18.71 -14.62 7.97
C PRO A 100 18.02 -15.48 9.01
N THR A 101 16.69 -15.48 9.06
CA THR A 101 15.95 -16.09 10.16
C THR A 101 15.14 -17.31 9.75
N GLY A 102 14.93 -17.54 8.46
CA GLY A 102 14.10 -18.65 8.03
C GLY A 102 12.62 -18.48 8.24
N ARG A 103 12.16 -17.32 8.70
CA ARG A 103 10.74 -17.14 8.99
C ARG A 103 9.99 -16.64 7.76
N SER A 104 8.86 -17.28 7.48
CA SER A 104 8.06 -16.91 6.31
C SER A 104 7.16 -15.74 6.66
N TYR A 105 6.82 -14.96 5.64
CA TYR A 105 5.87 -13.88 5.83
C TYR A 105 5.11 -13.67 4.52
N GLU A 106 4.02 -12.94 4.61
CA GLU A 106 3.25 -12.54 3.46
C GLU A 106 3.06 -11.04 3.53
N ALA A 107 3.25 -10.36 2.40
CA ALA A 107 3.20 -8.90 2.37
C ALA A 107 2.49 -8.45 1.10
N PRO A 108 1.21 -8.12 1.19
CA PRO A 108 0.56 -7.41 0.08
C PRO A 108 1.30 -6.12 -0.21
N PHE A 109 1.32 -5.75 -1.48
CA PHE A 109 1.99 -4.51 -1.85
C PHE A 109 1.20 -3.82 -2.96
N ALA A 110 1.34 -2.50 -2.98
CA ALA A 110 0.90 -1.64 -4.07
C ALA A 110 2.13 -0.85 -4.51
N LEU A 111 2.50 -0.98 -5.78
CA LEU A 111 3.68 -0.29 -6.32
C LEU A 111 3.22 0.81 -7.26
N HIS A 112 3.41 2.06 -6.85
CA HIS A 112 3.02 3.20 -7.66
C HIS A 112 4.20 3.63 -8.54
N LEU A 113 3.99 3.63 -9.85
CA LEU A 113 5.04 3.99 -10.80
C LEU A 113 4.60 5.19 -11.62
N THR A 114 5.57 6.01 -12.00
CA THR A 114 5.38 7.05 -13.02
C THR A 114 6.39 6.80 -14.12
N VAL A 115 5.94 6.94 -15.37
CA VAL A 115 6.78 6.72 -16.54
C VAL A 115 6.82 8.01 -17.34
N GLU A 116 8.04 8.42 -17.71
CA GLU A 116 8.26 9.59 -18.56
C GLU A 116 9.28 9.21 -19.61
N ASN A 117 8.90 9.33 -20.89
CA ASN A 117 9.79 9.02 -22.00
C ASN A 117 10.27 7.56 -21.96
N GLY A 118 9.38 6.66 -21.52
CA GLY A 118 9.70 5.25 -21.45
C GLY A 118 10.59 4.84 -20.30
N LEU A 119 10.91 5.76 -19.39
CA LEU A 119 11.73 5.45 -18.23
C LEU A 119 10.89 5.63 -16.96
N VAL A 120 11.17 4.79 -15.96
CA VAL A 120 10.49 4.90 -14.68
C VAL A 120 11.15 6.02 -13.89
N THR A 121 10.39 7.08 -13.60
CA THR A 121 10.91 8.20 -12.83
C THR A 121 10.48 8.16 -11.38
N ARG A 122 9.51 7.31 -11.03
CA ARG A 122 8.98 7.27 -9.67
C ARG A 122 8.63 5.83 -9.33
N HIS A 123 8.99 5.43 -8.10
CA HIS A 123 8.82 4.05 -7.61
C HIS A 123 8.51 4.19 -6.12
N HIS A 124 7.22 4.14 -5.78
CA HIS A 124 6.72 4.33 -4.42
C HIS A 124 6.02 3.04 -3.99
N VAL A 125 6.57 2.37 -2.98
CA VAL A 125 6.09 1.06 -2.54
C VAL A 125 5.25 1.23 -1.28
N TYR A 126 4.07 0.62 -1.28
CA TYR A 126 3.17 0.59 -0.13
C TYR A 126 2.95 -0.87 0.22
N GLU A 127 3.37 -1.27 1.41
CA GLU A 127 3.37 -2.70 1.74
C GLU A 127 3.23 -2.89 3.24
N ASP A 128 3.06 -4.16 3.65
CA ASP A 128 2.92 -4.51 5.07
C ASP A 128 4.29 -4.48 5.75
N SER A 129 4.71 -3.29 6.14
CA SER A 129 6.01 -3.13 6.79
C SER A 129 6.09 -3.92 8.10
N LEU A 130 4.99 -3.99 8.84
CA LEU A 130 5.01 -4.72 10.11
C LEU A 130 5.29 -6.20 9.89
N ALA A 131 4.65 -6.81 8.89
CA ALA A 131 4.86 -8.24 8.64
C ALA A 131 6.30 -8.53 8.21
N VAL A 132 6.87 -7.68 7.37
CA VAL A 132 8.25 -7.86 6.95
C VAL A 132 9.20 -7.67 8.12
N PHE A 133 8.99 -6.59 8.88
CA PHE A 133 9.85 -6.30 10.02
C PHE A 133 9.85 -7.47 11.01
N ARG A 134 8.68 -8.03 11.31
CA ARG A 134 8.62 -9.14 12.25
C ARG A 134 9.42 -10.33 11.74
N ALA A 135 9.40 -10.57 10.42
CA ALA A 135 10.07 -11.75 9.90
C ALA A 135 11.59 -11.65 10.05
N PHE A 136 12.13 -10.43 10.01
CA PHE A 136 13.56 -10.21 10.07
C PHE A 136 14.08 -9.86 11.46
N ALA A 137 13.18 -9.47 12.37
CA ALA A 137 13.56 -9.03 13.71
C ALA A 137 13.60 -10.20 14.69
N MET B 1 -25.88 6.11 -14.48
CA MET B 1 -24.60 5.63 -13.95
C MET B 1 -23.68 6.79 -13.54
N VAL B 2 -23.00 6.64 -12.41
CA VAL B 2 -22.09 7.64 -11.90
C VAL B 2 -20.66 7.12 -12.10
N SER B 3 -19.74 8.00 -12.47
CA SER B 3 -18.40 7.56 -12.78
C SER B 3 -17.69 7.01 -11.55
N THR B 4 -16.69 6.16 -11.78
CA THR B 4 -15.86 5.68 -10.68
C THR B 4 -15.26 6.84 -9.90
N ARG B 5 -14.74 7.84 -10.62
CA ARG B 5 -14.08 8.96 -9.95
C ARG B 5 -15.03 9.70 -9.03
N GLU B 6 -16.27 9.94 -9.49
CA GLU B 6 -17.21 10.65 -8.63
C GLU B 6 -17.55 9.83 -7.39
N THR B 7 -17.73 8.51 -7.55
CA THR B 7 -18.01 7.67 -6.41
C THR B 7 -16.86 7.69 -5.40
N VAL B 8 -15.62 7.65 -5.90
CA VAL B 8 -14.45 7.69 -5.04
C VAL B 8 -14.34 9.04 -4.34
N ASN B 9 -14.60 10.13 -5.06
CA ASN B 9 -14.56 11.45 -4.43
C ASN B 9 -15.56 11.53 -3.27
N GLU B 10 -16.77 10.99 -3.48
CA GLU B 10 -17.76 11.03 -2.40
C GLU B 10 -17.31 10.22 -1.20
N LEU B 11 -16.74 9.03 -1.44
CA LEU B 11 -16.19 8.24 -0.34
C LEU B 11 -15.14 9.02 0.42
N LEU B 12 -14.19 9.64 -0.30
CA LEU B 12 -13.13 10.37 0.40
C LEU B 12 -13.69 11.52 1.22
N ARG B 13 -14.72 12.20 0.70
CA ARG B 13 -15.38 13.24 1.49
C ARG B 13 -15.98 12.68 2.78
N ARG B 14 -16.72 11.57 2.67
CA ARG B 14 -17.36 10.99 3.84
C ARG B 14 -16.33 10.44 4.85
N ILE B 15 -15.23 9.87 4.36
CA ILE B 15 -14.22 9.38 5.29
C ILE B 15 -13.62 10.54 6.08
N ALA B 16 -13.34 11.66 5.39
CA ALA B 16 -12.78 12.81 6.06
C ALA B 16 -13.77 13.42 7.07
N ALA B 17 -15.07 13.35 6.78
CA ALA B 17 -16.07 13.86 7.71
C ALA B 17 -16.22 12.95 8.93
N GLY B 18 -16.02 11.64 8.78
CA GLY B 18 -15.79 10.74 9.90
C GLY B 18 -16.98 9.89 10.33
N ASP B 19 -18.21 10.26 9.97
CA ASP B 19 -19.38 9.54 10.47
C ASP B 19 -19.43 8.12 9.93
N PRO B 20 -19.36 7.09 10.78
CA PRO B 20 -19.25 5.72 10.24
C PRO B 20 -20.49 5.26 9.49
N GLY B 21 -21.70 5.60 9.98
CA GLY B 21 -22.90 5.18 9.28
C GLY B 21 -23.00 5.77 7.88
N ARG B 22 -22.57 7.02 7.72
CA ARG B 22 -22.64 7.68 6.43
C ARG B 22 -21.59 7.14 5.48
N ILE B 23 -20.41 6.80 5.98
CA ILE B 23 -19.38 6.16 5.14
C ILE B 23 -19.88 4.82 4.64
N ALA B 24 -20.35 3.97 5.57
CA ALA B 24 -20.77 2.62 5.21
C ALA B 24 -21.94 2.61 4.23
N GLU B 25 -22.76 3.68 4.20
CA GLU B 25 -23.84 3.77 3.21
C GLU B 25 -23.33 3.66 1.78
N LEU B 26 -22.05 3.94 1.55
CA LEU B 26 -21.50 3.94 0.20
C LEU B 26 -20.99 2.58 -0.22
N TYR B 27 -21.04 1.58 0.66
CA TYR B 27 -20.48 0.26 0.38
C TYR B 27 -21.59 -0.72 0.00
N ALA B 28 -21.23 -1.70 -0.81
CA ALA B 28 -22.15 -2.80 -1.09
C ALA B 28 -22.37 -3.60 0.19
N GLU B 29 -23.45 -4.40 0.20
CA GLU B 29 -23.72 -5.21 1.39
C GLU B 29 -22.57 -6.18 1.67
N GLU B 30 -21.96 -6.73 0.61
CA GLU B 30 -20.79 -7.59 0.71
C GLU B 30 -19.59 -6.82 0.19
N VAL B 31 -18.51 -6.76 0.97
CA VAL B 31 -17.32 -5.98 0.60
C VAL B 31 -16.09 -6.85 0.71
N SER B 32 -15.22 -6.81 -0.30
CA SER B 32 -13.88 -7.39 -0.14
C SER B 32 -13.00 -6.35 0.55
N TRP B 33 -12.64 -6.62 1.80
CA TRP B 33 -11.98 -5.66 2.69
C TRP B 33 -10.64 -6.24 3.10
N LYS B 34 -9.54 -5.55 2.79
CA LYS B 34 -8.23 -6.09 3.10
C LYS B 34 -7.33 -4.98 3.62
N LEU B 35 -6.49 -5.33 4.60
CA LEU B 35 -5.52 -4.41 5.16
C LEU B 35 -4.17 -5.07 5.15
N SER B 36 -3.15 -4.28 4.81
CA SER B 36 -1.77 -4.77 4.73
C SER B 36 -1.17 -4.88 6.14
N TRP B 37 -1.77 -5.77 6.93
CA TRP B 37 -1.38 -6.07 8.29
C TRP B 37 -1.34 -7.58 8.49
N PRO B 38 -0.49 -8.06 9.38
CA PRO B 38 -0.51 -9.49 9.73
C PRO B 38 -1.75 -9.86 10.51
N ALA B 39 -2.09 -11.14 10.45
CA ALA B 39 -3.19 -11.66 11.24
C ALA B 39 -2.86 -11.61 12.74
N GLY B 40 -3.90 -11.76 13.56
CA GLY B 40 -3.75 -11.76 15.00
C GLY B 40 -4.36 -10.53 15.64
N ASP B 41 -4.21 -10.46 16.97
CA ASP B 41 -4.79 -9.37 17.75
C ASP B 41 -3.78 -8.31 18.14
N HIS B 42 -2.48 -8.52 17.87
CA HIS B 42 -1.45 -7.49 18.05
C HIS B 42 -1.45 -6.92 19.47
N MET B 43 -1.62 -7.81 20.46
CA MET B 43 -1.57 -7.44 21.87
C MET B 43 -2.62 -6.40 22.24
N GLY B 44 -3.67 -6.27 21.42
CA GLY B 44 -4.79 -5.40 21.69
C GLY B 44 -4.61 -3.93 21.31
N VAL B 45 -3.47 -3.53 20.74
CA VAL B 45 -3.23 -2.09 20.60
C VAL B 45 -3.88 -1.48 19.37
N VAL B 46 -4.33 -2.28 18.40
CA VAL B 46 -4.94 -1.73 17.19
C VAL B 46 -6.24 -2.49 16.90
N PRO B 47 -7.29 -2.30 17.70
CA PRO B 47 -8.45 -3.21 17.64
C PRO B 47 -9.24 -3.15 16.34
N TRP B 48 -9.12 -2.07 15.56
CA TRP B 48 -9.79 -2.03 14.26
C TRP B 48 -9.14 -2.93 13.23
N ILE B 49 -7.93 -3.45 13.50
CA ILE B 49 -7.27 -4.34 12.55
C ILE B 49 -7.90 -5.72 12.67
N GLN B 50 -8.93 -5.98 11.88
CA GLN B 50 -9.58 -7.29 11.88
C GLN B 50 -10.12 -7.54 10.49
N GLN B 51 -10.60 -8.77 10.27
CA GLN B 51 -11.09 -9.17 8.96
C GLN B 51 -12.55 -8.76 8.82
N ARG B 52 -12.90 -8.22 7.65
CA ARG B 52 -14.25 -7.72 7.43
C ARG B 52 -14.73 -8.10 6.04
N SER B 53 -16.06 -8.17 5.90
CA SER B 53 -16.62 -8.59 4.62
C SER B 53 -18.00 -8.01 4.34
N THR B 54 -18.51 -7.11 5.19
CA THR B 54 -19.89 -6.65 5.11
C THR B 54 -19.93 -5.14 5.35
N ARG B 55 -21.03 -4.53 4.89
CA ARG B 55 -21.26 -3.11 5.13
C ARG B 55 -21.29 -2.80 6.62
N ALA B 56 -21.93 -3.66 7.42
CA ALA B 56 -21.96 -3.45 8.87
C ALA B 56 -20.54 -3.50 9.44
N GLY B 57 -19.70 -4.37 8.89
CA GLY B 57 -18.32 -4.43 9.34
C GLY B 57 -17.56 -3.17 9.00
N VAL B 58 -17.80 -2.61 7.80
CA VAL B 58 -17.18 -1.35 7.42
C VAL B 58 -17.56 -0.24 8.39
N GLU B 59 -18.84 -0.18 8.76
CA GLU B 59 -19.26 0.82 9.74
C GLU B 59 -18.53 0.63 11.06
N GLU B 60 -18.35 -0.62 11.50
CA GLU B 60 -17.63 -0.88 12.75
C GLU B 60 -16.18 -0.42 12.65
N HIS B 61 -15.55 -0.64 11.50
CA HIS B 61 -14.17 -0.20 11.31
C HIS B 61 -14.04 1.31 11.52
N PHE B 62 -14.92 2.08 10.89
CA PHE B 62 -14.73 3.53 10.94
C PHE B 62 -15.12 4.10 12.30
N ARG B 63 -16.04 3.43 13.00
CA ARG B 63 -16.31 3.76 14.40
C ARG B 63 -15.07 3.56 15.26
N LEU B 64 -14.46 2.37 15.16
CA LEU B 64 -13.31 2.04 15.99
C LEU B 64 -12.11 2.93 15.70
N ILE B 65 -11.83 3.14 14.42
CA ILE B 65 -10.64 3.93 14.11
C ILE B 65 -10.80 5.37 14.60
N ALA B 66 -12.01 5.91 14.55
CA ALA B 66 -12.28 7.23 15.11
C ALA B 66 -12.05 7.25 16.61
N ASP B 67 -12.57 6.25 17.33
CA ASP B 67 -12.45 6.21 18.77
C ASP B 67 -11.00 6.13 19.24
N HIS B 68 -10.09 5.69 18.38
CA HIS B 68 -8.71 5.48 18.80
C HIS B 68 -7.78 6.60 18.34
N HIS B 69 -8.31 7.69 17.78
CA HIS B 69 -7.49 8.79 17.30
C HIS B 69 -8.03 10.11 17.85
N VAL B 70 -7.16 11.12 17.91
CA VAL B 70 -7.55 12.47 18.28
C VAL B 70 -8.05 13.17 17.02
N ALA B 71 -9.36 13.40 16.94
CA ALA B 71 -9.98 13.80 15.68
C ALA B 71 -9.37 15.10 15.14
N LYS B 72 -9.09 16.05 16.02
CA LYS B 72 -8.64 17.38 15.62
C LYS B 72 -7.18 17.40 15.20
N GLN B 73 -6.43 16.32 15.41
CA GLN B 73 -5.04 16.25 14.97
C GLN B 73 -4.83 15.11 13.96
N SER B 74 -5.91 14.61 13.37
CA SER B 74 -5.83 13.44 12.48
C SER B 74 -6.53 13.75 11.17
N SER B 75 -5.91 13.34 10.07
CA SER B 75 -6.50 13.52 8.75
C SER B 75 -5.71 12.67 7.78
N ALA B 76 -6.26 12.51 6.58
CA ALA B 76 -5.54 11.86 5.48
C ALA B 76 -5.34 12.90 4.39
N GLU B 77 -4.09 13.13 4.02
CA GLU B 77 -3.77 13.98 2.89
C GLU B 77 -3.75 13.13 1.63
N VAL B 78 -4.51 13.52 0.60
CA VAL B 78 -4.58 12.76 -0.64
C VAL B 78 -3.67 13.44 -1.67
N PHE B 79 -2.70 12.68 -2.21
CA PHE B 79 -1.79 13.22 -3.22
C PHE B 79 -2.32 13.04 -4.64
N SER B 80 -2.93 11.90 -4.92
CA SER B 80 -3.44 11.65 -6.26
C SER B 80 -4.49 10.56 -6.19
N VAL B 81 -5.38 10.57 -7.17
CA VAL B 81 -6.41 9.54 -7.32
C VAL B 81 -6.29 9.01 -8.75
N LEU B 82 -5.85 7.77 -8.88
CA LEU B 82 -5.76 7.12 -10.20
C LEU B 82 -7.02 6.30 -10.43
N VAL B 83 -7.55 6.37 -11.65
CA VAL B 83 -8.80 5.70 -12.00
C VAL B 83 -8.57 4.92 -13.29
N ASP B 84 -9.01 3.67 -13.30
CA ASP B 84 -8.87 2.81 -14.47
C ASP B 84 -10.10 1.91 -14.47
N GLY B 85 -11.09 2.26 -15.29
CA GLY B 85 -12.31 1.47 -15.34
C GLY B 85 -13.06 1.56 -14.03
N ALA B 86 -13.44 0.41 -13.48
CA ALA B 86 -14.17 0.36 -12.21
C ALA B 86 -13.25 0.45 -11.00
N ASP B 87 -11.94 0.49 -11.21
CA ASP B 87 -10.99 0.50 -10.11
C ASP B 87 -10.37 1.88 -9.96
N ALA B 88 -9.91 2.14 -8.74
CA ALA B 88 -9.19 3.37 -8.45
C ALA B 88 -8.19 3.07 -7.35
N VAL B 89 -7.13 3.87 -7.30
CA VAL B 89 -6.18 3.82 -6.20
C VAL B 89 -5.98 5.24 -5.69
N VAL B 90 -6.20 5.44 -4.41
CA VAL B 90 -6.01 6.74 -3.77
C VAL B 90 -4.65 6.72 -3.09
N LEU B 91 -3.78 7.66 -3.45
CA LEU B 91 -2.44 7.74 -2.89
C LEU B 91 -2.34 8.92 -1.95
N GLY B 92 -1.89 8.68 -0.73
CA GLY B 92 -1.82 9.77 0.23
C GLY B 92 -0.99 9.42 1.45
N GLU B 93 -1.24 10.16 2.52
CA GLU B 93 -0.52 9.92 3.77
C GLU B 93 -1.47 10.15 4.93
N LEU B 94 -1.53 9.18 5.84
CA LEU B 94 -2.19 9.41 7.12
C LEU B 94 -1.32 10.32 7.98
N ARG B 95 -1.90 11.40 8.49
CA ARG B 95 -1.25 12.27 9.48
C ARG B 95 -2.14 12.32 10.72
N ASN B 96 -1.96 11.33 11.60
CA ASN B 96 -2.86 11.06 12.70
C ASN B 96 -2.13 11.15 14.03
N THR B 97 -2.92 11.30 15.10
CA THR B 97 -2.43 11.22 16.47
C THR B 97 -3.17 10.10 17.19
N ALA B 98 -2.42 9.13 17.70
CA ALA B 98 -2.99 8.00 18.43
C ALA B 98 -3.55 8.47 19.78
N GLY B 99 -4.84 8.19 20.02
CA GLY B 99 -5.48 8.56 21.26
C GLY B 99 -4.81 8.09 22.55
N PRO B 100 -4.61 6.77 22.68
CA PRO B 100 -4.11 6.23 23.95
C PRO B 100 -2.71 6.70 24.34
N THR B 101 -1.86 6.98 23.35
CA THR B 101 -0.48 7.37 23.61
C THR B 101 -0.20 8.84 23.36
N GLY B 102 -1.04 9.51 22.58
CA GLY B 102 -0.77 10.88 22.21
C GLY B 102 0.29 11.05 21.16
N ARG B 103 0.82 9.96 20.60
CA ARG B 103 1.90 10.06 19.63
C ARG B 103 1.35 10.29 18.24
N SER B 104 1.87 11.31 17.57
CA SER B 104 1.51 11.54 16.17
C SER B 104 2.38 10.70 15.26
N TYR B 105 1.82 10.29 14.13
CA TYR B 105 2.56 9.48 13.18
C TYR B 105 2.14 9.88 11.77
N GLU B 106 3.00 9.54 10.83
CA GLU B 106 2.70 9.68 9.42
C GLU B 106 2.79 8.31 8.76
N ALA B 107 1.77 7.95 7.99
CA ALA B 107 1.83 6.66 7.33
C ALA B 107 1.37 6.77 5.88
N PRO B 108 2.29 6.65 4.92
CA PRO B 108 1.88 6.60 3.51
C PRO B 108 0.89 5.47 3.30
N PHE B 109 -0.08 5.70 2.41
CA PHE B 109 -1.04 4.67 2.13
C PHE B 109 -1.42 4.72 0.67
N ALA B 110 -1.82 3.56 0.16
CA ALA B 110 -2.49 3.43 -1.13
C ALA B 110 -3.79 2.68 -0.86
N LEU B 111 -4.90 3.23 -1.30
CA LEU B 111 -6.20 2.63 -1.03
C LEU B 111 -6.77 2.23 -2.37
N HIS B 112 -6.93 0.92 -2.59
CA HIS B 112 -7.43 0.39 -3.85
C HIS B 112 -8.92 0.11 -3.70
N LEU B 113 -9.73 0.74 -4.54
CA LEU B 113 -11.18 0.63 -4.48
C LEU B 113 -11.70 0.02 -5.77
N THR B 114 -12.81 -0.72 -5.67
CA THR B 114 -13.56 -1.12 -6.84
C THR B 114 -15.01 -0.71 -6.62
N VAL B 115 -15.65 -0.19 -7.68
CA VAL B 115 -17.02 0.26 -7.58
C VAL B 115 -17.87 -0.47 -8.61
N GLU B 116 -19.08 -0.85 -8.20
CA GLU B 116 -20.05 -1.46 -9.09
C GLU B 116 -21.41 -0.90 -8.71
N ASN B 117 -22.14 -0.40 -9.71
CA ASN B 117 -23.50 0.13 -9.50
C ASN B 117 -23.48 1.25 -8.46
N GLY B 118 -22.44 2.08 -8.52
CA GLY B 118 -22.29 3.22 -7.64
C GLY B 118 -21.89 2.89 -6.22
N LEU B 119 -21.66 1.62 -5.88
CA LEU B 119 -21.30 1.22 -4.54
C LEU B 119 -19.87 0.67 -4.51
N VAL B 120 -19.20 0.83 -3.36
CA VAL B 120 -17.85 0.32 -3.20
C VAL B 120 -17.93 -1.17 -2.87
N THR B 121 -17.31 -2.01 -3.72
CA THR B 121 -17.32 -3.44 -3.51
C THR B 121 -16.01 -4.00 -2.99
N ARG B 122 -14.94 -3.23 -3.08
CA ARG B 122 -13.60 -3.65 -2.71
C ARG B 122 -12.90 -2.45 -2.09
N HIS B 123 -12.22 -2.70 -0.98
CA HIS B 123 -11.52 -1.65 -0.23
C HIS B 123 -10.30 -2.32 0.36
N HIS B 124 -9.14 -2.17 -0.31
CA HIS B 124 -7.90 -2.83 0.07
C HIS B 124 -6.90 -1.73 0.39
N VAL B 125 -6.43 -1.71 1.64
CA VAL B 125 -5.54 -0.67 2.15
C VAL B 125 -4.12 -1.20 2.21
N TYR B 126 -3.18 -0.46 1.63
CA TYR B 126 -1.75 -0.75 1.72
C TYR B 126 -1.11 0.42 2.44
N GLU B 127 -0.75 0.23 3.71
CA GLU B 127 -0.25 1.35 4.51
C GLU B 127 0.93 0.89 5.35
N ASP B 128 1.67 1.87 5.88
CA ASP B 128 2.83 1.63 6.75
C ASP B 128 2.36 1.11 8.10
N SER B 129 2.13 -0.21 8.16
CA SER B 129 1.62 -0.82 9.38
C SER B 129 2.63 -0.75 10.52
N LEU B 130 3.91 -0.78 10.20
CA LEU B 130 4.94 -0.63 11.22
C LEU B 130 4.82 0.71 11.93
N ALA B 131 4.66 1.79 11.17
CA ALA B 131 4.56 3.11 11.76
C ALA B 131 3.30 3.25 12.61
N VAL B 132 2.16 2.76 12.10
CA VAL B 132 0.91 2.82 12.87
C VAL B 132 1.07 2.03 14.17
N PHE B 133 1.61 0.81 14.05
CA PHE B 133 1.76 -0.03 15.23
C PHE B 133 2.63 0.65 16.28
N ARG B 134 3.75 1.24 15.86
CA ARG B 134 4.64 1.88 16.80
C ARG B 134 3.98 3.06 17.50
N ALA B 135 3.03 3.73 16.84
CA ALA B 135 2.38 4.88 17.47
C ALA B 135 1.44 4.46 18.60
N PHE B 136 0.90 3.25 18.53
CA PHE B 136 -0.04 2.74 19.53
C PHE B 136 0.61 1.79 20.54
N ALA B 137 1.81 1.30 20.26
CA ALA B 137 2.43 0.30 21.12
C ALA B 137 2.99 0.88 22.42
#